data_3T7Z
#
_entry.id   3T7Z
#
_cell.length_a   45.695
_cell.length_b   86.511
_cell.length_c   129.387
_cell.angle_alpha   90.00
_cell.angle_beta   90.00
_cell.angle_gamma   90.00
#
_symmetry.space_group_name_H-M   'F 2 2 2'
#
loop_
_entity.id
_entity.type
_entity.pdbx_description
1 polymer 'Nucleolar protein Nop 56/58'
2 non-polymer 'ACETATE ION'
3 non-polymer 'SODIUM ION'
4 non-polymer GLYCEROL
5 water water
#
_entity_poly.entity_id   1
_entity_poly.type   'polypeptide(L)'
_entity_poly.pdbx_seq_one_letter_code
;MIYVTFTPYGAFGVKDNKEVSGLEDIEYKKLFNEEEIPDIMFKLKTQPNKIADELKEEWGDEIKLETLSTEPFNIGEFLR
NNLFKVGKELGYFNNYDEFRKKMHYWSTELTKKVIKSYA
;
_entity_poly.pdbx_strand_id   A
#
loop_
_chem_comp.id
_chem_comp.type
_chem_comp.name
_chem_comp.formula
ACT non-polymer 'ACETATE ION' 'C2 H3 O2 -1'
GOL non-polymer GLYCEROL 'C3 H8 O3'
NA non-polymer 'SODIUM ION' 'Na 1'
#
# COMPACT_ATOMS: atom_id res chain seq x y z
N MET A 1 -8.73 10.77 12.19
CA MET A 1 -8.95 10.30 10.82
C MET A 1 -7.55 9.94 10.23
N ILE A 2 -7.34 8.69 9.81
CA ILE A 2 -6.07 8.27 9.27
C ILE A 2 -6.15 8.18 7.76
N TYR A 3 -5.23 8.83 7.06
CA TYR A 3 -5.19 8.80 5.57
C TYR A 3 -4.17 7.76 5.18
N VAL A 4 -4.61 6.85 4.35
CA VAL A 4 -3.84 5.58 4.07
C VAL A 4 -3.63 5.41 2.64
N THR A 5 -2.38 5.06 2.26
N THR A 5 -2.39 5.02 2.26
CA THR A 5 -2.04 4.59 0.92
CA THR A 5 -2.07 4.60 0.90
C THR A 5 -1.45 3.19 1.04
C THR A 5 -1.30 3.30 0.94
N PHE A 6 -1.60 2.42 -0.01
CA PHE A 6 -1.03 1.08 -0.06
C PHE A 6 -0.05 1.12 -1.15
N THR A 7 1.08 0.44 -0.92
CA THR A 7 2.00 0.09 -2.01
C THR A 7 1.83 -1.48 -2.09
N PRO A 8 2.54 -2.11 -3.02
CA PRO A 8 2.46 -3.59 -3.01
C PRO A 8 3.00 -4.19 -1.73
N TYR A 9 3.89 -3.52 -1.01
CA TYR A 9 4.51 -4.14 0.11
C TYR A 9 4.02 -3.66 1.48
N GLY A 10 3.10 -2.67 1.50
CA GLY A 10 2.65 -2.24 2.79
C GLY A 10 1.47 -1.28 2.68
N ALA A 11 0.82 -1.08 3.81
CA ALA A 11 -0.18 0.00 4.04
C ALA A 11 0.39 1.00 4.98
N PHE A 12 0.24 2.30 4.65
CA PHE A 12 0.93 3.32 5.38
C PHE A 12 -0.07 4.48 5.66
N GLY A 13 -0.07 4.93 6.89
CA GLY A 13 -1.10 5.93 7.31
C GLY A 13 -0.51 7.05 8.09
N VAL A 14 -1.16 8.21 7.98
N VAL A 14 -1.20 8.19 8.02
CA VAL A 14 -0.82 9.35 8.75
CA VAL A 14 -0.80 9.40 8.68
C VAL A 14 -2.11 10.09 9.12
C VAL A 14 -2.09 10.12 9.10
N LYS A 15 -2.17 10.59 10.34
CA LYS A 15 -3.36 11.33 10.78
C LYS A 15 -3.45 12.59 9.98
N ASP A 16 -4.68 12.93 9.57
CA ASP A 16 -5.00 14.24 9.07
C ASP A 16 -4.19 14.66 7.83
N ASN A 17 -3.84 13.68 7.01
CA ASN A 17 -3.22 14.00 5.72
C ASN A 17 -2.00 14.88 5.91
N LYS A 18 -1.24 14.68 7.02
CA LYS A 18 -0.07 15.53 7.21
C LYS A 18 1.04 15.30 6.11
N GLU A 19 1.92 16.27 5.95
CA GLU A 19 2.96 16.12 4.98
C GLU A 19 3.88 15.02 5.39
N VAL A 20 4.49 14.41 4.41
CA VAL A 20 5.36 13.21 4.63
C VAL A 20 6.63 13.43 3.80
N SER A 21 7.83 13.40 4.47
CA SER A 21 9.18 13.66 3.91
C SER A 21 9.91 12.25 3.92
N GLY A 22 9.43 11.39 4.80
CA GLY A 22 10.27 10.23 5.20
C GLY A 22 9.45 9.28 6.03
N LEU A 23 10.05 8.19 6.48
CA LEU A 23 9.22 7.12 7.08
C LEU A 23 9.00 7.61 8.49
N GLU A 24 9.83 8.58 8.96
CA GLU A 24 9.66 9.11 10.30
C GLU A 24 8.35 9.91 10.43
N ASP A 25 7.85 10.34 9.29
CA ASP A 25 6.55 11.12 9.30
C ASP A 25 5.29 10.23 9.16
N ILE A 26 5.52 8.95 8.99
CA ILE A 26 4.44 7.96 8.79
C ILE A 26 4.14 7.34 10.14
N GLU A 27 2.94 7.54 10.63
CA GLU A 27 2.54 7.08 11.93
C GLU A 27 2.05 5.62 12.01
N TYR A 28 1.51 5.11 10.93
CA TYR A 28 0.97 3.73 10.94
C TYR A 28 1.55 3.00 9.84
N LYS A 29 2.19 1.82 10.11
CA LYS A 29 2.80 1.04 9.04
C LYS A 29 2.42 -0.42 9.18
N LYS A 30 1.84 -0.97 8.14
CA LYS A 30 1.61 -2.42 8.12
C LYS A 30 2.37 -2.96 6.94
N LEU A 31 3.36 -3.82 7.16
CA LEU A 31 4.13 -4.31 6.11
C LEU A 31 3.56 -5.71 5.68
N PHE A 32 3.72 -6.13 4.44
CA PHE A 32 3.13 -7.38 4.06
C PHE A 32 4.24 -8.36 3.76
N ASN A 33 4.05 -9.61 4.17
CA ASN A 33 5.06 -10.54 3.75
C ASN A 33 4.89 -10.88 2.32
N GLU A 34 5.97 -11.18 1.64
CA GLU A 34 5.93 -11.22 0.22
C GLU A 34 4.98 -12.24 -0.36
N GLU A 35 4.76 -13.35 0.30
CA GLU A 35 3.90 -14.39 -0.27
C GLU A 35 2.42 -13.97 -0.31
N GLU A 36 2.03 -13.01 0.54
CA GLU A 36 0.64 -12.52 0.54
C GLU A 36 0.43 -11.29 -0.31
N ILE A 37 1.51 -10.74 -0.86
CA ILE A 37 1.36 -9.44 -1.60
C ILE A 37 0.28 -9.43 -2.69
N PRO A 38 0.30 -10.42 -3.59
CA PRO A 38 -0.72 -10.38 -4.65
C PRO A 38 -2.16 -10.51 -4.13
N ASP A 39 -2.35 -11.38 -3.13
CA ASP A 39 -3.65 -11.58 -2.49
C ASP A 39 -4.14 -10.27 -1.95
N ILE A 40 -3.24 -9.51 -1.32
CA ILE A 40 -3.69 -8.22 -0.71
C ILE A 40 -3.91 -7.19 -1.78
N MET A 41 -3.07 -7.17 -2.83
CA MET A 41 -3.38 -6.28 -4.01
C MET A 41 -4.75 -6.59 -4.56
N PHE A 42 -5.13 -7.86 -4.58
CA PHE A 42 -6.43 -8.20 -5.21
C PHE A 42 -7.59 -7.80 -4.26
N LYS A 43 -7.42 -8.01 -2.98
CA LYS A 43 -8.46 -7.60 -1.99
C LYS A 43 -8.65 -6.05 -1.95
N LEU A 44 -7.58 -5.29 -2.15
CA LEU A 44 -7.69 -3.84 -2.20
C LEU A 44 -8.47 -3.45 -3.40
N LYS A 45 -8.18 -4.11 -4.49
CA LYS A 45 -8.84 -3.86 -5.76
C LYS A 45 -10.32 -4.24 -5.77
N THR A 46 -10.73 -5.25 -4.99
CA THR A 46 -12.13 -5.72 -5.09
C THR A 46 -13.01 -5.46 -3.89
N GLN A 47 -12.42 -5.43 -2.68
CA GLN A 47 -13.13 -5.07 -1.42
C GLN A 47 -12.45 -4.02 -0.58
N PRO A 48 -12.29 -2.82 -1.15
CA PRO A 48 -11.57 -1.82 -0.37
C PRO A 48 -12.34 -1.46 0.94
N ASN A 49 -13.68 -1.47 0.97
CA ASN A 49 -14.38 -1.07 2.18
C ASN A 49 -14.08 -2.10 3.30
N LYS A 50 -13.93 -3.35 2.95
CA LYS A 50 -13.55 -4.39 3.95
C LYS A 50 -12.11 -4.14 4.53
N ILE A 51 -11.19 -3.85 3.63
CA ILE A 51 -9.82 -3.36 3.99
C ILE A 51 -9.88 -2.20 4.93
N ALA A 52 -10.64 -1.18 4.61
CA ALA A 52 -10.81 -0.05 5.49
C ALA A 52 -11.39 -0.41 6.88
N ASP A 53 -12.36 -1.32 6.98
CA ASP A 53 -12.97 -1.63 8.30
C ASP A 53 -11.92 -2.37 9.12
N GLU A 54 -11.16 -3.23 8.44
CA GLU A 54 -10.06 -3.97 9.13
C GLU A 54 -8.99 -3.05 9.70
N LEU A 55 -8.64 -2.00 8.94
CA LEU A 55 -7.63 -1.08 9.43
C LEU A 55 -8.22 -0.25 10.50
N LYS A 56 -9.52 0.03 10.43
CA LYS A 56 -10.14 0.88 11.46
C LYS A 56 -9.98 0.14 12.78
N GLU A 57 -10.21 -1.17 12.75
CA GLU A 57 -10.03 -2.00 13.98
C GLU A 57 -8.62 -2.06 14.44
N GLU A 58 -7.70 -2.27 13.53
CA GLU A 58 -6.33 -2.49 13.91
C GLU A 58 -5.60 -1.24 14.35
N TRP A 59 -5.87 -0.13 13.72
CA TRP A 59 -5.22 1.11 14.08
C TRP A 59 -5.96 2.03 14.98
N GLY A 60 -7.28 1.83 15.10
CA GLY A 60 -8.04 2.47 16.16
C GLY A 60 -8.60 3.85 15.81
N ASP A 61 -8.94 4.03 14.55
CA ASP A 61 -9.45 5.29 14.06
C ASP A 61 -10.14 5.13 12.74
N GLU A 62 -11.03 6.08 12.39
CA GLU A 62 -11.65 6.10 11.07
C GLU A 62 -10.53 6.17 10.04
N ILE A 63 -10.80 5.68 8.83
CA ILE A 63 -9.79 5.46 7.82
C ILE A 63 -10.27 6.06 6.51
N LYS A 64 -9.44 6.86 5.85
CA LYS A 64 -9.69 7.27 4.50
C LYS A 64 -8.69 6.55 3.56
N LEU A 65 -9.11 5.65 2.66
CA LEU A 65 -8.17 5.12 1.66
C LEU A 65 -8.02 5.99 0.46
N GLU A 66 -6.79 6.15 0.03
CA GLU A 66 -6.49 6.90 -1.16
C GLU A 66 -7.12 6.38 -2.42
N THR A 67 -7.32 5.07 -2.53
CA THR A 67 -8.02 4.50 -3.66
C THR A 67 -9.49 4.88 -3.63
N LEU A 68 -10.03 5.28 -2.49
CA LEU A 68 -11.40 5.72 -2.53
C LEU A 68 -11.49 7.26 -2.47
N SER A 69 -10.45 7.93 -2.89
CA SER A 69 -10.45 9.45 -2.88
C SER A 69 -10.21 9.98 -4.26
N THR A 70 -10.80 11.11 -4.63
CA THR A 70 -10.48 11.70 -5.93
C THR A 70 -9.26 12.55 -5.97
N GLU A 71 -8.71 12.87 -4.82
CA GLU A 71 -7.53 13.73 -4.77
C GLU A 71 -6.48 12.90 -4.03
N PRO A 72 -5.25 13.01 -4.47
CA PRO A 72 -4.17 12.21 -3.91
C PRO A 72 -3.84 12.81 -2.51
N PHE A 73 -3.30 11.96 -1.64
CA PHE A 73 -2.90 12.39 -0.30
C PHE A 73 -1.40 12.72 -0.32
N ASN A 74 -0.92 13.51 0.63
CA ASN A 74 0.55 13.77 0.75
C ASN A 74 1.34 12.46 0.90
N ILE A 75 0.83 11.57 1.71
CA ILE A 75 1.44 10.27 1.87
C ILE A 75 1.52 9.41 0.60
N GLY A 76 0.54 9.49 -0.23
CA GLY A 76 0.46 8.75 -1.47
C GLY A 76 1.48 9.32 -2.42
N GLU A 77 1.58 10.65 -2.53
CA GLU A 77 2.59 11.21 -3.42
C GLU A 77 3.97 10.86 -2.97
N PHE A 78 4.24 10.93 -1.69
CA PHE A 78 5.53 10.52 -1.22
C PHE A 78 5.86 9.06 -1.60
N LEU A 79 4.95 8.15 -1.29
CA LEU A 79 5.20 6.69 -1.55
C LEU A 79 5.30 6.46 -3.07
N ARG A 80 4.52 7.12 -3.88
CA ARG A 80 4.64 6.84 -5.32
C ARG A 80 5.94 7.33 -5.88
N ASN A 81 6.37 8.50 -5.48
CA ASN A 81 7.64 9.01 -5.95
C ASN A 81 8.90 8.33 -5.37
N ASN A 82 8.73 7.68 -4.21
CA ASN A 82 9.86 7.00 -3.56
C ASN A 82 9.61 5.51 -3.38
N LEU A 83 8.89 4.93 -4.33
CA LEU A 83 8.38 3.53 -4.08
C LEU A 83 9.61 2.59 -3.92
N PHE A 84 10.55 2.73 -4.85
CA PHE A 84 11.79 1.86 -4.75
C PHE A 84 12.62 2.16 -3.50
N LYS A 85 12.95 3.40 -3.26
CA LYS A 85 13.75 3.73 -2.12
C LYS A 85 13.16 3.32 -0.76
N VAL A 86 11.88 3.51 -0.57
CA VAL A 86 11.28 3.14 0.70
C VAL A 86 11.30 1.60 0.78
N GLY A 87 10.95 0.95 -0.30
CA GLY A 87 10.99 -0.55 -0.26
C GLY A 87 12.39 -1.07 -0.02
N LYS A 88 13.45 -0.41 -0.54
CA LYS A 88 14.83 -0.83 -0.24
C LYS A 88 15.12 -0.66 1.26
N GLU A 89 14.80 0.50 1.81
CA GLU A 89 14.95 0.85 3.24
C GLU A 89 14.25 -0.20 4.13
N LEU A 90 13.07 -0.63 3.69
CA LEU A 90 12.27 -1.68 4.38
C LEU A 90 12.76 -3.11 4.13
N GLY A 91 13.70 -3.33 3.20
CA GLY A 91 14.21 -4.70 2.98
C GLY A 91 13.55 -5.52 1.90
N TYR A 92 12.73 -4.88 1.08
CA TYR A 92 12.08 -5.65 0.01
C TYR A 92 12.90 -5.77 -1.26
N PHE A 93 13.76 -4.80 -1.50
CA PHE A 93 14.46 -4.67 -2.79
C PHE A 93 15.89 -4.40 -2.44
N ASN A 94 16.80 -5.18 -3.02
CA ASN A 94 18.20 -4.92 -2.75
C ASN A 94 18.80 -3.98 -3.78
N ASN A 95 18.24 -3.98 -4.98
CA ASN A 95 18.66 -3.05 -6.01
C ASN A 95 17.53 -2.87 -7.02
N TYR A 96 17.78 -2.01 -8.01
CA TYR A 96 16.74 -1.67 -8.98
C TYR A 96 16.31 -2.88 -9.85
N ASP A 97 17.24 -3.76 -10.18
CA ASP A 97 16.88 -4.91 -10.95
C ASP A 97 15.94 -5.80 -10.19
N GLU A 98 16.22 -6.00 -8.92
CA GLU A 98 15.32 -6.77 -8.12
C GLU A 98 13.96 -6.12 -7.99
N PHE A 99 13.95 -4.83 -7.72
CA PHE A 99 12.69 -4.07 -7.64
C PHE A 99 11.90 -4.32 -8.89
N ARG A 100 12.53 -4.19 -10.05
CA ARG A 100 11.85 -4.41 -11.31
C ARG A 100 11.31 -5.81 -11.42
N LYS A 101 12.11 -6.79 -11.08
CA LYS A 101 11.67 -8.16 -11.23
C LYS A 101 10.52 -8.46 -10.25
N LYS A 102 10.63 -8.01 -8.98
CA LYS A 102 9.60 -8.25 -8.00
C LYS A 102 8.24 -7.62 -8.40
N MET A 103 8.28 -6.36 -8.79
CA MET A 103 7.08 -5.63 -9.21
C MET A 103 6.40 -6.29 -10.34
N HIS A 104 7.20 -6.76 -11.29
CA HIS A 104 6.63 -7.57 -12.37
C HIS A 104 5.91 -8.88 -11.96
N TYR A 105 6.57 -9.71 -11.12
CA TYR A 105 5.95 -10.86 -10.56
C TYR A 105 4.66 -10.55 -9.83
N TRP A 106 4.74 -9.63 -8.88
CA TRP A 106 3.50 -9.27 -8.12
C TRP A 106 2.35 -8.86 -9.04
N SER A 107 2.65 -7.96 -10.00
CA SER A 107 1.62 -7.53 -10.94
C SER A 107 1.05 -8.70 -11.77
N THR A 108 1.93 -9.59 -12.21
CA THR A 108 1.47 -10.76 -12.98
C THR A 108 0.56 -11.65 -12.16
N GLU A 109 0.91 -11.86 -10.88
CA GLU A 109 0.14 -12.67 -9.98
C GLU A 109 -1.23 -12.00 -9.72
N LEU A 110 -1.23 -10.66 -9.60
CA LEU A 110 -2.49 -9.95 -9.40
C LEU A 110 -3.41 -10.15 -10.63
N THR A 111 -2.84 -10.00 -11.83
CA THR A 111 -3.60 -10.20 -13.07
C THR A 111 -4.20 -11.60 -13.14
N LYS A 112 -3.44 -12.59 -12.73
CA LYS A 112 -3.91 -13.95 -12.73
C LYS A 112 -5.15 -14.07 -11.90
N LYS A 113 -5.17 -13.43 -10.73
CA LYS A 113 -6.32 -13.43 -9.81
C LYS A 113 -7.48 -12.69 -10.39
N VAL A 114 -7.22 -11.49 -10.93
CA VAL A 114 -8.28 -10.74 -11.64
C VAL A 114 -8.92 -11.53 -12.81
N ILE A 115 -8.11 -12.19 -13.67
CA ILE A 115 -8.62 -12.99 -14.78
C ILE A 115 -9.52 -14.12 -14.26
N LYS A 116 -9.07 -14.79 -13.16
CA LYS A 116 -9.83 -15.87 -12.55
C LYS A 116 -11.15 -15.29 -12.05
N SER A 117 -11.15 -14.14 -11.40
CA SER A 117 -12.36 -13.58 -10.84
C SER A 117 -13.43 -13.46 -11.95
N TYR A 118 -13.01 -13.31 -13.18
CA TYR A 118 -14.02 -13.26 -14.24
C TYR A 118 -14.51 -14.57 -14.81
N ALA A 119 -14.73 -15.59 -13.98
CA ALA A 119 -15.15 -16.90 -14.45
C ALA A 119 -14.17 -17.42 -15.50
C ACT B . 6.31 -11.91 -17.53
O ACT B . 5.25 -12.50 -17.33
OXT ACT B . 6.15 -10.80 -18.11
CH3 ACT B . 7.48 -12.28 -16.67
NA NA C . 8.37 16.08 7.93
C1 GOL D . 4.27 15.80 0.61
O1 GOL D . 4.20 15.98 2.00
C2 GOL D . 3.83 14.48 -0.02
O2 GOL D . 4.46 13.42 0.52
C3 GOL D . 3.75 14.40 -1.51
O3 GOL D . 3.30 15.49 -2.30
#